data_1KBZ
#
_entry.id   1KBZ
#
_cell.length_a   47.533
_cell.length_b   71.901
_cell.length_c   82.158
_cell.angle_alpha   90.00
_cell.angle_beta   90.00
_cell.angle_gamma   90.00
#
_symmetry.space_group_name_H-M   'P 21 21 2'
#
loop_
_entity.id
_entity.type
_entity.pdbx_description
1 polymer 'dTDP-glucose oxidoreductase'
2 non-polymer 'MAGNESIUM ION'
3 water water
#
_entity_poly.entity_id   1
_entity_poly.type   'polypeptide(L)'
_entity_poly.pdbx_seq_one_letter_code
;MNILLFGKTGQVGWELQRSLAPVGNLIALDVHSKEFCGDFSNPKGVAETVRKLRPDVIVNAAAHTAVDKAESEPELAQLL
NATSVEAIAKAANETGAWVVHYSTDYVFPGTGDIPWQETDATSPLNVYGKTKLAGEKALQDNCPKHLIFRTSWVYAGKGN
NFAKTMLRLAKERQTLSVINDQYGAPTGAELLADCTAHAIRVALNKPEVAGLYHLVAGGTTTWHDYAALVFDEARKAGIT
LALTELNAVPTSAYPTPASRPGNSRLNTEKFQRNFDLILPQWELGVKRMLTEMFTTTTI
;
_entity_poly.pdbx_strand_id   A
#
# COMPACT_ATOMS: atom_id res chain seq x y z
N MET A 1 20.10 14.05 7.27
CA MET A 1 19.08 13.29 8.07
C MET A 1 19.31 11.80 7.85
N ASN A 2 19.11 11.00 8.89
CA ASN A 2 19.05 9.53 8.83
C ASN A 2 17.63 8.97 8.69
N ILE A 3 17.43 8.02 7.81
CA ILE A 3 16.12 7.44 7.57
C ILE A 3 16.18 5.96 7.76
N LEU A 4 15.17 5.42 8.42
CA LEU A 4 15.13 3.99 8.71
C LEU A 4 13.91 3.48 8.01
N LEU A 5 14.11 2.51 7.12
CA LEU A 5 13.03 1.92 6.32
C LEU A 5 12.88 0.42 6.70
N PHE A 6 11.69 0.03 7.15
CA PHE A 6 11.39 -1.38 7.41
C PHE A 6 10.60 -1.88 6.20
N GLY A 7 10.69 -3.17 5.91
CA GLY A 7 9.91 -3.75 4.81
C GLY A 7 10.48 -3.48 3.45
N LYS A 8 11.80 -3.40 3.37
CA LYS A 8 12.51 -2.98 2.14
C LYS A 8 12.28 -3.84 0.91
N THR A 9 11.90 -5.11 1.08
CA THR A 9 11.76 -5.96 -0.07
C THR A 9 10.31 -6.09 -0.48
N GLY A 10 9.39 -5.43 0.19
CA GLY A 10 8.01 -5.46 -0.27
C GLY A 10 7.83 -4.59 -1.54
N GLN A 11 6.63 -4.52 -2.09
CA GLN A 11 6.40 -3.75 -3.32
C GLN A 11 6.73 -2.30 -3.08
N VAL A 12 6.19 -1.74 -2.04
CA VAL A 12 6.39 -0.33 -1.78
C VAL A 12 7.84 -0.13 -1.29
N GLY A 13 8.28 -0.98 -0.36
CA GLY A 13 9.66 -0.94 0.09
C GLY A 13 10.77 -0.92 -0.95
N TRP A 14 10.67 -1.77 -1.95
CA TRP A 14 11.66 -1.79 -3.02
C TRP A 14 11.72 -0.40 -3.72
N GLU A 15 10.55 0.23 -3.94
CA GLU A 15 10.55 1.56 -4.59
C GLU A 15 11.03 2.64 -3.59
N LEU A 16 10.76 2.44 -2.30
CA LEU A 16 11.26 3.36 -1.28
C LEU A 16 12.76 3.32 -1.12
N GLN A 17 13.37 2.16 -1.33
CA GLN A 17 14.81 2.08 -1.32
C GLN A 17 15.36 3.07 -2.33
N ARG A 18 14.66 3.24 -3.43
CA ARG A 18 15.08 4.16 -4.46
C ARG A 18 14.69 5.59 -4.07
N SER A 19 13.43 5.85 -3.79
CA SER A 19 12.93 7.22 -3.60
C SER A 19 13.52 7.92 -2.38
N LEU A 20 13.82 7.16 -1.33
CA LEU A 20 14.33 7.73 -0.10
C LEU A 20 15.84 7.96 -0.18
N ALA A 21 16.52 7.38 -1.17
CA ALA A 21 17.99 7.45 -1.21
C ALA A 21 18.64 8.85 -1.22
N PRO A 22 18.11 9.82 -1.97
CA PRO A 22 18.66 11.16 -1.89
C PRO A 22 18.05 12.01 -0.77
N VAL A 23 17.01 11.53 -0.07
CA VAL A 23 16.35 12.29 0.97
C VAL A 23 17.17 12.34 2.23
N GLY A 24 17.84 11.24 2.54
CA GLY A 24 18.78 11.21 3.63
C GLY A 24 19.48 9.87 3.61
N ASN A 25 20.38 9.69 4.56
CA ASN A 25 21.11 8.43 4.74
C ASN A 25 20.18 7.29 5.10
N LEU A 26 20.03 6.37 4.15
CA LEU A 26 19.05 5.29 4.27
C LEU A 26 19.61 3.97 4.84
N ILE A 27 18.93 3.47 5.86
CA ILE A 27 19.19 2.15 6.39
C ILE A 27 17.92 1.38 6.06
N ALA A 28 18.06 0.37 5.23
CA ALA A 28 16.89 -0.37 4.74
C ALA A 28 16.88 -1.76 5.34
N LEU A 29 15.83 -2.09 6.09
CA LEU A 29 15.73 -3.41 6.70
C LEU A 29 14.51 -4.17 6.24
N ASP A 30 14.55 -5.48 6.48
CA ASP A 30 13.45 -6.40 6.28
C ASP A 30 13.58 -7.55 7.33
N VAL A 31 12.77 -8.61 7.23
CA VAL A 31 12.85 -9.72 8.22
C VAL A 31 14.21 -10.40 8.27
N HIS A 32 14.83 -10.60 7.12
CA HIS A 32 16.10 -11.31 7.05
C HIS A 32 17.34 -10.44 7.30
N SER A 33 17.15 -9.21 7.75
CA SER A 33 18.29 -8.40 8.13
C SER A 33 19.02 -9.12 9.30
N LYS A 34 20.28 -9.47 9.07
CA LYS A 34 21.09 -10.16 10.02
C LYS A 34 21.72 -9.21 11.04
N GLU A 35 22.37 -8.17 10.52
CA GLU A 35 23.09 -7.22 11.36
C GLU A 35 22.15 -6.20 12.07
N PHE A 36 20.84 -6.25 11.79
CA PHE A 36 19.81 -5.46 12.52
C PHE A 36 18.47 -6.21 12.49
N CYS A 37 17.58 -6.01 13.47
CA CYS A 37 16.25 -6.67 13.48
C CYS A 37 15.10 -5.94 12.75
N GLY A 38 14.57 -6.56 11.71
CA GLY A 38 13.47 -5.97 10.98
C GLY A 38 12.22 -6.84 10.95
N ASP A 39 12.10 -7.72 11.95
CA ASP A 39 11.00 -8.66 12.04
C ASP A 39 9.90 -8.15 12.96
N PHE A 40 8.75 -7.85 12.38
CA PHE A 40 7.62 -7.28 13.10
C PHE A 40 6.93 -8.23 14.08
N SER A 41 7.31 -9.52 14.08
CA SER A 41 6.86 -10.46 15.10
C SER A 41 7.57 -10.18 16.43
N ASN A 42 8.63 -9.40 16.38
CA ASN A 42 9.37 -9.03 17.60
C ASN A 42 9.24 -7.52 17.86
N PRO A 43 8.08 -7.07 18.35
CA PRO A 43 7.81 -5.64 18.51
C PRO A 43 8.86 -4.93 19.32
N LYS A 44 9.37 -5.64 20.33
CA LYS A 44 10.44 -5.13 21.18
C LYS A 44 11.74 -5.16 20.39
N GLY A 45 11.83 -6.07 19.44
CA GLY A 45 12.98 -6.10 18.55
C GLY A 45 13.05 -4.85 17.67
N VAL A 46 11.98 -4.60 16.90
CA VAL A 46 11.87 -3.42 16.05
C VAL A 46 11.94 -2.12 16.87
N ALA A 47 11.31 -2.11 18.03
CA ALA A 47 11.43 -0.99 18.96
C ALA A 47 12.91 -0.72 19.25
N GLU A 48 13.64 -1.77 19.63
CA GLU A 48 15.06 -1.70 19.97
C GLU A 48 15.90 -1.20 18.81
N THR A 49 15.72 -1.78 17.63
CA THR A 49 16.44 -1.34 16.44
C THR A 49 16.33 0.19 16.23
N VAL A 50 15.14 0.72 16.51
CA VAL A 50 14.83 2.13 16.42
C VAL A 50 15.61 2.97 17.43
N ARG A 51 15.86 2.39 18.61
CA ARG A 51 16.65 3.06 19.63
C ARG A 51 18.15 3.00 19.26
N LYS A 52 18.59 1.87 18.69
CA LYS A 52 19.99 1.70 18.27
C LYS A 52 20.49 2.65 17.19
N LEU A 53 19.55 3.11 16.32
CA LEU A 53 19.89 3.97 15.21
C LEU A 53 19.42 5.43 15.37
N ARG A 54 18.41 5.71 16.19
CA ARG A 54 17.93 7.10 16.39
C ARG A 54 17.52 7.87 15.13
N PRO A 55 16.73 7.29 14.24
CA PRO A 55 16.51 7.93 12.95
C PRO A 55 15.74 9.22 13.08
N ASP A 56 15.94 10.09 12.10
CA ASP A 56 15.12 11.27 12.05
C ASP A 56 13.79 10.90 11.48
N VAL A 57 13.77 9.85 10.66
CA VAL A 57 12.55 9.44 9.99
C VAL A 57 12.54 7.92 9.90
N ILE A 58 11.41 7.36 10.32
CA ILE A 58 11.12 5.95 10.18
C ILE A 58 9.99 5.78 9.17
N VAL A 59 10.23 4.96 8.14
CA VAL A 59 9.22 4.66 7.16
C VAL A 59 8.89 3.20 7.32
N ASN A 60 7.67 2.90 7.72
CA ASN A 60 7.29 1.52 7.87
C ASN A 60 6.58 0.98 6.63
N ALA A 61 7.27 0.18 5.81
CA ALA A 61 6.60 -0.43 4.67
C ALA A 61 6.44 -1.93 4.94
N ALA A 62 6.57 -2.34 6.19
CA ALA A 62 6.39 -3.74 6.56
C ALA A 62 4.99 -3.91 7.09
N ALA A 63 4.38 -5.04 6.79
CA ALA A 63 3.04 -5.33 7.30
C ALA A 63 2.60 -6.74 6.98
N HIS A 64 1.61 -7.20 7.71
CA HIS A 64 0.98 -8.47 7.38
C HIS A 64 -0.02 -8.02 6.33
N THR A 65 0.14 -8.48 5.11
CA THR A 65 -0.70 -8.01 4.01
C THR A 65 -1.56 -9.07 3.33
N ALA A 66 -1.48 -10.30 3.84
CA ALA A 66 -2.30 -11.37 3.29
C ALA A 66 -3.70 -11.34 3.95
N VAL A 67 -4.59 -10.54 3.35
CA VAL A 67 -5.96 -10.29 3.83
C VAL A 67 -6.70 -11.57 4.27
N ASP A 68 -6.86 -12.52 3.35
CA ASP A 68 -7.52 -13.77 3.66
C ASP A 68 -6.80 -14.53 4.76
N LYS A 69 -5.48 -14.62 4.63
CA LYS A 69 -4.67 -15.34 5.61
C LYS A 69 -4.90 -14.74 7.02
N ALA A 70 -4.98 -13.42 7.10
CA ALA A 70 -5.23 -12.72 8.37
C ALA A 70 -6.43 -13.27 9.15
N GLU A 71 -7.55 -13.55 8.48
CA GLU A 71 -8.73 -14.09 9.15
C GLU A 71 -8.41 -15.33 9.97
N SER A 72 -7.60 -16.21 9.39
CA SER A 72 -7.20 -17.44 10.05
C SER A 72 -6.13 -17.18 11.12
N GLU A 73 -5.30 -16.16 10.89
CA GLU A 73 -4.26 -15.81 11.86
C GLU A 73 -4.35 -14.35 12.30
N PRO A 74 -5.42 -13.98 13.01
CA PRO A 74 -5.60 -12.58 13.42
C PRO A 74 -4.66 -12.18 14.54
N GLU A 75 -4.02 -13.14 15.19
CA GLU A 75 -3.04 -12.84 16.23
C GLU A 75 -1.76 -12.37 15.55
N LEU A 76 -1.34 -13.08 14.52
CA LEU A 76 -0.14 -12.71 13.77
C LEU A 76 -0.35 -11.38 13.03
N ALA A 77 -1.55 -11.19 12.49
CA ALA A 77 -1.93 -9.93 11.83
C ALA A 77 -1.95 -8.75 12.82
N GLN A 78 -2.47 -9.00 14.02
CA GLN A 78 -2.51 -7.99 15.07
C GLN A 78 -1.08 -7.58 15.45
N LEU A 79 -0.22 -8.57 15.69
CA LEU A 79 1.18 -8.34 16.02
C LEU A 79 1.92 -7.48 14.95
N LEU A 80 1.59 -7.69 13.67
CA LEU A 80 2.28 -7.00 12.59
C LEU A 80 1.66 -5.65 12.24
N ASN A 81 0.33 -5.58 12.19
CA ASN A 81 -0.36 -4.34 11.84
C ASN A 81 -0.63 -3.38 13.00
N ALA A 82 -0.50 -3.84 14.24
CA ALA A 82 -0.85 -3.00 15.39
C ALA A 82 0.22 -2.95 16.46
N THR A 83 0.54 -4.08 17.07
CA THR A 83 1.49 -4.13 18.19
C THR A 83 2.83 -3.49 17.85
N SER A 84 3.51 -4.04 16.86
CA SER A 84 4.80 -3.49 16.43
C SER A 84 4.74 -2.02 16.01
N VAL A 85 3.62 -1.59 15.41
CA VAL A 85 3.41 -0.18 15.06
C VAL A 85 3.37 0.69 16.31
N GLU A 86 2.68 0.23 17.35
CA GLU A 86 2.62 0.94 18.63
C GLU A 86 4.03 1.01 19.21
N ALA A 87 4.71 -0.14 19.20
CA ALA A 87 6.08 -0.25 19.71
C ALA A 87 7.04 0.71 19.05
N ILE A 88 6.96 0.80 17.72
CA ILE A 88 7.84 1.66 16.98
C ILE A 88 7.40 3.12 17.20
N ALA A 89 6.11 3.37 17.40
CA ALA A 89 5.64 4.74 17.64
C ALA A 89 6.18 5.28 18.93
N LYS A 90 6.02 4.49 20.00
CA LYS A 90 6.49 4.89 21.34
C LYS A 90 7.99 5.17 21.28
N ALA A 91 8.73 4.26 20.64
CA ALA A 91 10.18 4.42 20.53
C ALA A 91 10.56 5.64 19.67
N ALA A 92 9.72 5.98 18.70
CA ALA A 92 9.99 7.09 17.79
C ALA A 92 9.78 8.40 18.52
N ASN A 93 8.69 8.44 19.26
CA ASN A 93 8.33 9.62 20.01
C ASN A 93 9.33 9.95 21.12
N GLU A 94 10.32 9.09 21.32
CA GLU A 94 11.36 9.35 22.33
C GLU A 94 12.33 10.43 21.82
N THR A 95 12.85 10.23 20.62
CA THR A 95 13.77 11.17 20.00
C THR A 95 13.05 12.21 19.15
N GLY A 96 11.72 12.18 19.12
CA GLY A 96 10.99 13.08 18.24
C GLY A 96 11.17 12.73 16.77
N ALA A 97 11.13 11.45 16.46
CA ALA A 97 11.32 11.02 15.07
C ALA A 97 9.99 11.08 14.29
N TRP A 98 10.04 11.24 12.98
CA TRP A 98 8.80 11.09 12.25
C TRP A 98 8.57 9.60 11.98
N VAL A 99 7.30 9.23 11.84
CA VAL A 99 6.93 7.87 11.47
C VAL A 99 5.97 7.96 10.33
N VAL A 100 6.35 7.35 9.21
CA VAL A 100 5.52 7.28 8.04
C VAL A 100 4.99 5.86 8.05
N HIS A 101 3.69 5.74 7.82
CA HIS A 101 3.04 4.46 7.95
C HIS A 101 1.96 4.31 6.90
N TYR A 102 1.87 3.12 6.33
CA TYR A 102 0.92 2.84 5.26
C TYR A 102 -0.27 2.07 5.84
N SER A 103 -1.46 2.48 5.41
CA SER A 103 -2.66 1.83 5.85
C SER A 103 -3.61 1.53 4.69
N THR A 104 -4.88 1.32 5.00
CA THR A 104 -5.75 0.79 3.97
C THR A 104 -7.17 1.30 3.92
N ASP A 105 -7.78 1.22 2.75
CA ASP A 105 -9.20 1.51 2.63
C ASP A 105 -10.06 0.44 3.32
N TYR A 106 -9.48 -0.70 3.67
CA TYR A 106 -10.20 -1.79 4.37
C TYR A 106 -10.64 -1.39 5.79
N VAL A 107 -10.23 -0.19 6.15
CA VAL A 107 -10.59 0.49 7.37
C VAL A 107 -12.09 0.91 7.32
N PHE A 108 -12.60 1.14 6.11
CA PHE A 108 -14.00 1.53 5.83
C PHE A 108 -14.93 0.35 5.41
N PRO A 109 -16.26 0.53 5.54
CA PRO A 109 -17.24 -0.48 5.18
C PRO A 109 -17.48 -0.57 3.68
N GLY A 110 -18.64 -0.19 3.16
CA GLY A 110 -18.94 -0.28 1.74
C GLY A 110 -20.23 0.43 1.37
N THR A 111 -20.10 1.46 0.54
CA THR A 111 -21.27 2.24 0.12
C THR A 111 -20.96 2.87 -1.23
N GLY A 112 -21.21 2.12 -2.30
CA GLY A 112 -20.89 2.55 -3.64
C GLY A 112 -21.18 4.02 -3.92
N ASP A 113 -20.52 4.54 -4.96
CA ASP A 113 -20.60 5.95 -5.35
C ASP A 113 -19.65 6.88 -4.60
N ILE A 114 -19.73 6.88 -3.26
CA ILE A 114 -19.07 7.89 -2.41
C ILE A 114 -17.62 7.61 -2.01
N PRO A 115 -16.68 8.47 -2.42
CA PRO A 115 -15.30 8.33 -1.96
C PRO A 115 -15.10 8.86 -0.53
N TRP A 116 -14.46 8.01 0.25
CA TRP A 116 -14.22 8.23 1.67
C TRP A 116 -13.22 9.29 1.90
N GLN A 117 -13.46 10.08 2.93
CA GLN A 117 -12.55 11.11 3.38
C GLN A 117 -11.97 10.71 4.73
N GLU A 118 -10.96 11.46 5.18
CA GLU A 118 -10.26 11.16 6.42
C GLU A 118 -11.18 11.44 7.62
N THR A 119 -12.12 12.37 7.43
CA THR A 119 -13.13 12.70 8.43
C THR A 119 -14.33 11.77 8.42
N ASP A 120 -14.19 10.58 7.84
CA ASP A 120 -15.28 9.62 7.84
C ASP A 120 -15.04 8.64 8.96
N ALA A 121 -16.14 8.10 9.47
CA ALA A 121 -16.12 7.08 10.51
C ALA A 121 -15.58 5.78 9.93
N THR A 122 -15.03 4.95 10.81
CA THR A 122 -14.45 3.70 10.39
C THR A 122 -15.10 2.48 11.09
N SER A 123 -15.38 1.46 10.28
CA SER A 123 -15.85 0.17 10.79
C SER A 123 -15.24 -0.88 9.85
N PRO A 124 -14.12 -1.47 10.27
CA PRO A 124 -13.42 -2.47 9.44
C PRO A 124 -14.23 -3.75 9.24
N LEU A 125 -14.35 -4.18 7.99
CA LEU A 125 -15.12 -5.33 7.63
C LEU A 125 -14.40 -6.64 7.84
N ASN A 126 -13.08 -6.58 7.95
CA ASN A 126 -12.28 -7.81 8.13
C ASN A 126 -11.16 -7.60 9.14
N VAL A 127 -10.46 -8.68 9.49
CA VAL A 127 -9.33 -8.62 10.43
C VAL A 127 -8.20 -7.69 9.97
N TYR A 128 -7.81 -7.79 8.70
CA TYR A 128 -6.73 -6.99 8.16
C TYR A 128 -7.05 -5.51 8.33
N GLY A 129 -8.27 -5.15 7.94
CA GLY A 129 -8.74 -3.78 8.06
C GLY A 129 -8.86 -3.37 9.51
N LYS A 130 -9.18 -4.34 10.37
CA LYS A 130 -9.33 -4.12 11.80
C LYS A 130 -8.01 -3.91 12.52
N THR A 131 -7.04 -4.77 12.20
CA THR A 131 -5.72 -4.67 12.81
C THR A 131 -4.96 -3.45 12.29
N LYS A 132 -5.27 -3.03 11.08
CA LYS A 132 -4.62 -1.86 10.48
C LYS A 132 -5.14 -0.59 11.17
N LEU A 133 -6.45 -0.60 11.44
CA LEU A 133 -7.10 0.49 12.16
C LEU A 133 -6.44 0.60 13.51
N ALA A 134 -6.29 -0.54 14.19
CA ALA A 134 -5.66 -0.55 15.51
C ALA A 134 -4.23 0.00 15.46
N GLY A 135 -3.54 -0.27 14.37
CA GLY A 135 -2.20 0.25 14.19
C GLY A 135 -2.19 1.75 13.99
N GLU A 136 -3.09 2.29 13.18
CA GLU A 136 -3.11 3.75 12.97
C GLU A 136 -3.56 4.55 14.20
N LYS A 137 -4.44 3.96 15.02
CA LYS A 137 -4.87 4.55 16.26
C LYS A 137 -3.71 4.49 17.26
N ALA A 138 -3.01 3.36 17.28
CA ALA A 138 -1.84 3.20 18.15
C ALA A 138 -0.75 4.20 17.75
N LEU A 139 -0.58 4.43 16.44
CA LEU A 139 0.42 5.41 16.00
C LEU A 139 -0.05 6.80 16.37
N GLN A 140 -1.30 7.10 16.03
CA GLN A 140 -1.94 8.38 16.39
C GLN A 140 -1.87 8.74 17.86
N ASP A 141 -2.05 7.76 18.74
CA ASP A 141 -2.02 7.97 20.20
C ASP A 141 -0.62 7.96 20.84
N ASN A 142 0.39 7.41 20.17
CA ASN A 142 1.76 7.35 20.72
C ASN A 142 2.77 8.26 20.07
N CYS A 143 2.42 8.86 18.93
CA CYS A 143 3.41 9.64 18.19
C CYS A 143 2.76 10.77 17.40
N PRO A 144 2.94 12.01 17.85
CA PRO A 144 2.38 13.18 17.16
C PRO A 144 3.04 13.47 15.81
N LYS A 145 4.30 13.11 15.62
CA LYS A 145 4.95 13.36 14.32
C LYS A 145 4.75 12.17 13.41
N HIS A 146 3.53 12.04 12.86
CA HIS A 146 3.20 10.92 11.99
C HIS A 146 2.54 11.35 10.67
N LEU A 147 2.70 10.46 9.69
CA LEU A 147 2.09 10.57 8.37
C LEU A 147 1.55 9.19 8.11
N ILE A 148 0.23 9.09 7.98
CA ILE A 148 -0.43 7.83 7.68
C ILE A 148 -0.99 7.97 6.31
N PHE A 149 -0.58 7.08 5.41
CA PHE A 149 -1.10 7.10 4.07
C PHE A 149 -1.93 5.86 3.85
N ARG A 150 -3.23 6.08 3.73
CA ARG A 150 -4.17 5.01 3.44
C ARG A 150 -4.23 4.87 1.95
N THR A 151 -3.98 3.65 1.50
CA THR A 151 -3.95 3.41 0.10
C THR A 151 -4.73 2.13 -0.23
N SER A 152 -4.77 1.78 -1.49
CA SER A 152 -5.48 0.62 -1.89
C SER A 152 -5.05 0.14 -3.25
N TRP A 153 -5.35 -1.13 -3.50
CA TRP A 153 -5.10 -1.78 -4.76
C TRP A 153 -3.68 -1.53 -5.26
N VAL A 154 -2.72 -1.82 -4.39
CA VAL A 154 -1.32 -1.60 -4.67
C VAL A 154 -0.66 -2.65 -5.57
N TYR A 155 0.11 -2.20 -6.55
CA TYR A 155 0.83 -3.08 -7.48
C TYR A 155 2.25 -2.53 -7.66
N ALA A 156 3.15 -3.37 -8.12
CA ALA A 156 4.47 -2.98 -8.56
C ALA A 156 4.87 -3.96 -9.66
N GLY A 157 5.86 -3.57 -10.42
CA GLY A 157 6.37 -4.38 -11.51
C GLY A 157 7.40 -5.40 -11.03
N LYS A 158 7.86 -5.28 -9.79
CA LYS A 158 8.79 -6.25 -9.27
C LYS A 158 7.97 -7.25 -8.46
N GLY A 159 7.98 -8.49 -8.91
CA GLY A 159 7.24 -9.51 -8.23
C GLY A 159 5.82 -9.59 -8.75
N ASN A 160 5.02 -10.36 -8.04
CA ASN A 160 3.65 -10.64 -8.43
C ASN A 160 2.70 -9.45 -8.32
N ASN A 161 1.77 -9.37 -9.27
CA ASN A 161 0.72 -8.33 -9.25
C ASN A 161 -0.54 -8.81 -10.00
N PHE A 162 -1.64 -8.08 -9.82
CA PHE A 162 -2.91 -8.39 -10.47
C PHE A 162 -2.73 -8.56 -11.97
N ALA A 163 -2.04 -7.61 -12.60
CA ALA A 163 -1.83 -7.67 -14.03
C ALA A 163 -1.16 -8.99 -14.40
N LYS A 164 -0.03 -9.27 -13.77
CA LYS A 164 0.70 -10.49 -14.06
C LYS A 164 -0.18 -11.74 -13.91
N THR A 165 -0.74 -11.91 -12.72
CA THR A 165 -1.59 -13.07 -12.43
C THR A 165 -2.69 -13.22 -13.49
N MET A 166 -3.29 -12.10 -13.89
CA MET A 166 -4.33 -12.11 -14.92
C MET A 166 -3.74 -12.43 -16.28
N LEU A 167 -2.54 -11.92 -16.56
CA LEU A 167 -1.90 -12.20 -17.85
C LEU A 167 -1.54 -13.67 -17.98
N ARG A 168 -1.14 -14.30 -16.88
CA ARG A 168 -0.84 -15.73 -16.87
C ARG A 168 -2.07 -16.53 -17.25
N LEU A 169 -3.23 -16.08 -16.78
CA LEU A 169 -4.51 -16.70 -17.09
C LEU A 169 -4.90 -16.48 -18.55
N ALA A 170 -4.71 -15.27 -19.06
CA ALA A 170 -5.01 -14.95 -20.46
C ALA A 170 -4.07 -15.61 -21.50
N LYS A 171 -2.92 -16.14 -21.06
CA LYS A 171 -2.00 -16.87 -21.94
C LYS A 171 -2.44 -18.34 -22.05
N GLU A 172 -2.81 -18.90 -20.90
CA GLU A 172 -3.16 -20.31 -20.76
C GLU A 172 -4.66 -20.62 -20.86
N ARG A 173 -5.54 -19.67 -20.53
CA ARG A 173 -6.99 -19.93 -20.57
C ARG A 173 -7.78 -19.22 -21.69
N GLN A 174 -8.93 -19.80 -22.03
CA GLN A 174 -9.79 -19.34 -23.12
C GLN A 174 -10.85 -18.27 -22.73
N THR A 175 -11.45 -18.43 -21.57
CA THR A 175 -12.47 -17.49 -21.10
C THR A 175 -12.20 -17.20 -19.63
N LEU A 176 -12.40 -15.95 -19.21
CA LEU A 176 -12.07 -15.55 -17.84
C LEU A 176 -13.22 -14.91 -17.05
N SER A 177 -13.21 -15.14 -15.73
CA SER A 177 -14.25 -14.64 -14.83
C SER A 177 -13.68 -13.62 -13.86
N VAL A 178 -14.09 -12.34 -13.97
CA VAL A 178 -13.53 -11.28 -13.11
C VAL A 178 -14.55 -10.17 -12.66
N ILE A 179 -14.52 -9.88 -11.35
CA ILE A 179 -15.37 -8.93 -10.64
C ILE A 179 -15.51 -7.54 -11.27
N ASN A 180 -16.72 -7.02 -11.29
CA ASN A 180 -17.05 -5.73 -11.91
C ASN A 180 -17.86 -4.88 -10.94
N ASP A 181 -17.79 -5.20 -9.65
CA ASP A 181 -18.59 -4.51 -8.65
C ASP A 181 -17.79 -4.00 -7.43
N GLN A 182 -16.48 -4.21 -7.43
CA GLN A 182 -15.60 -3.64 -6.42
C GLN A 182 -14.92 -2.46 -7.12
N TYR A 183 -14.92 -1.29 -6.48
CA TYR A 183 -14.47 -0.08 -7.13
C TYR A 183 -13.28 0.57 -6.39
N GLY A 184 -12.28 0.97 -7.16
CA GLY A 184 -11.14 1.66 -6.57
C GLY A 184 -10.17 2.17 -7.61
N ALA A 185 -8.98 2.55 -7.17
CA ALA A 185 -7.94 3.05 -8.05
C ALA A 185 -6.63 2.29 -7.78
N PRO A 186 -6.19 1.47 -8.71
CA PRO A 186 -4.90 0.78 -8.55
C PRO A 186 -3.82 1.79 -8.33
N THR A 187 -2.98 1.59 -7.32
CA THR A 187 -1.98 2.60 -7.00
C THR A 187 -0.62 1.97 -7.01
N GLY A 188 0.26 2.55 -7.82
CA GLY A 188 1.59 2.07 -7.98
C GLY A 188 2.48 2.37 -6.82
N ALA A 189 3.27 1.38 -6.49
CA ALA A 189 4.37 1.52 -5.58
C ALA A 189 5.31 2.68 -5.97
N GLU A 190 5.52 2.91 -7.26
CA GLU A 190 6.26 4.10 -7.73
C GLU A 190 5.63 5.37 -7.20
N LEU A 191 4.32 5.48 -7.35
CA LEU A 191 3.65 6.71 -6.89
C LEU A 191 3.71 6.85 -5.37
N LEU A 192 3.51 5.73 -4.68
CA LEU A 192 3.53 5.76 -3.21
C LEU A 192 4.89 6.16 -2.74
N ALA A 193 5.92 5.52 -3.28
CA ALA A 193 7.27 5.80 -2.84
C ALA A 193 7.70 7.27 -3.13
N ASP A 194 7.35 7.81 -4.31
CA ASP A 194 7.78 9.16 -4.64
C ASP A 194 7.01 10.21 -3.80
N CYS A 195 5.70 10.04 -3.64
CA CYS A 195 4.90 10.96 -2.84
C CYS A 195 5.43 10.96 -1.42
N THR A 196 5.85 9.78 -0.96
CA THR A 196 6.40 9.67 0.39
C THR A 196 7.63 10.50 0.53
N ALA A 197 8.51 10.45 -0.47
CA ALA A 197 9.74 11.23 -0.43
C ALA A 197 9.48 12.72 -0.37
N HIS A 198 8.58 13.24 -1.20
CA HIS A 198 8.21 14.65 -1.16
C HIS A 198 7.51 15.04 0.20
N ALA A 199 6.62 14.21 0.67
CA ALA A 199 5.85 14.46 1.88
C ALA A 199 6.77 14.58 3.11
N ILE A 200 7.78 13.73 3.17
CA ILE A 200 8.78 13.81 4.23
C ILE A 200 9.49 15.17 4.29
N ARG A 201 9.96 15.61 3.14
CA ARG A 201 10.62 16.88 3.06
C ARG A 201 9.67 18.09 3.36
N VAL A 202 8.38 18.00 3.02
CA VAL A 202 7.44 19.04 3.48
C VAL A 202 7.31 18.99 4.97
N ALA A 203 7.09 17.80 5.50
CA ALA A 203 6.86 17.59 6.94
C ALA A 203 7.97 18.11 7.86
N LEU A 204 9.21 17.89 7.45
CA LEU A 204 10.35 18.37 8.24
C LEU A 204 10.41 19.88 8.37
N ASN A 205 9.91 20.61 7.37
CA ASN A 205 9.83 22.08 7.38
C ASN A 205 8.46 22.65 7.84
N LYS A 206 7.38 21.86 7.78
CA LYS A 206 6.06 22.24 8.25
C LYS A 206 5.44 21.08 9.03
N PRO A 207 5.74 20.97 10.31
CA PRO A 207 5.20 19.86 11.09
C PRO A 207 3.68 19.89 11.17
N GLU A 208 3.05 21.03 10.92
CA GLU A 208 1.58 21.11 10.89
C GLU A 208 0.94 20.05 9.96
N VAL A 209 1.67 19.56 8.95
CA VAL A 209 1.07 18.62 7.98
C VAL A 209 0.89 17.20 8.49
N ALA A 210 1.33 16.96 9.72
CA ALA A 210 1.16 15.65 10.37
C ALA A 210 -0.30 15.22 10.39
N GLY A 211 -0.51 13.93 10.18
CA GLY A 211 -1.85 13.41 10.22
C GLY A 211 -2.12 12.28 9.27
N LEU A 212 -3.40 12.13 8.97
CA LEU A 212 -3.94 11.03 8.19
C LEU A 212 -4.27 11.51 6.80
N TYR A 213 -3.79 10.78 5.80
CA TYR A 213 -4.05 11.12 4.41
C TYR A 213 -4.56 9.93 3.60
N HIS A 214 -5.51 10.19 2.72
CA HIS A 214 -5.85 9.20 1.71
C HIS A 214 -4.87 9.41 0.51
N LEU A 215 -4.31 8.32 0.00
CA LEU A 215 -3.28 8.43 -1.03
C LEU A 215 -3.39 7.33 -2.06
N VAL A 216 -3.99 7.66 -3.20
CA VAL A 216 -4.19 6.71 -4.27
C VAL A 216 -4.10 7.45 -5.60
N ALA A 217 -3.79 6.70 -6.68
CA ALA A 217 -3.85 7.28 -8.00
C ALA A 217 -5.29 7.79 -8.26
N GLY A 218 -5.43 8.80 -9.11
CA GLY A 218 -6.70 9.34 -9.49
C GLY A 218 -7.56 8.42 -10.33
N GLY A 219 -8.82 8.78 -10.43
CA GLY A 219 -9.82 8.00 -11.17
C GLY A 219 -10.43 6.88 -10.36
N THR A 220 -11.09 5.99 -11.05
CA THR A 220 -11.76 4.90 -10.38
C THR A 220 -12.04 3.86 -11.44
N THR A 221 -11.95 2.60 -11.03
CA THR A 221 -12.22 1.47 -11.90
C THR A 221 -12.57 0.25 -11.08
N THR A 222 -12.79 -0.87 -11.79
CA THR A 222 -13.10 -2.16 -11.19
C THR A 222 -12.07 -3.15 -11.69
N TRP A 223 -12.03 -4.31 -11.05
CA TRP A 223 -11.05 -5.32 -11.40
C TRP A 223 -11.20 -5.74 -12.86
N HIS A 224 -12.44 -5.80 -13.35
CA HIS A 224 -12.77 -6.15 -14.73
C HIS A 224 -12.24 -5.13 -15.74
N ASP A 225 -12.51 -3.85 -15.50
CA ASP A 225 -12.03 -2.82 -16.40
C ASP A 225 -10.50 -2.71 -16.30
N TYR A 226 -9.95 -2.94 -15.10
CA TYR A 226 -8.52 -3.03 -14.87
C TYR A 226 -7.98 -4.16 -15.78
N ALA A 227 -8.62 -5.32 -15.72
CA ALA A 227 -8.11 -6.44 -16.47
C ALA A 227 -8.23 -6.19 -17.99
N ALA A 228 -9.37 -5.66 -18.44
CA ALA A 228 -9.53 -5.33 -19.87
C ALA A 228 -8.44 -4.36 -20.34
N LEU A 229 -7.99 -3.45 -19.48
CA LEU A 229 -6.90 -2.54 -19.86
C LEU A 229 -5.60 -3.33 -19.97
N VAL A 230 -5.33 -4.21 -19.01
CA VAL A 230 -4.14 -5.07 -19.05
C VAL A 230 -4.13 -5.91 -20.35
N PHE A 231 -5.26 -6.52 -20.70
CA PHE A 231 -5.37 -7.35 -21.92
C PHE A 231 -5.22 -6.50 -23.20
N ASP A 232 -5.96 -5.40 -23.24
CA ASP A 232 -5.83 -4.42 -24.30
C ASP A 232 -4.36 -4.06 -24.52
N GLU A 233 -3.68 -3.64 -23.44
CA GLU A 233 -2.28 -3.28 -23.54
C GLU A 233 -1.42 -4.44 -23.99
N ALA A 234 -1.67 -5.63 -23.45
CA ALA A 234 -0.90 -6.80 -23.84
C ALA A 234 -1.13 -7.11 -25.32
N ARG A 235 -2.34 -6.87 -25.82
CA ARG A 235 -2.60 -7.08 -27.27
C ARG A 235 -1.80 -6.10 -28.10
N LYS A 236 -1.81 -4.82 -27.72
CA LYS A 236 -1.06 -3.81 -28.45
C LYS A 236 0.47 -4.03 -28.44
N ALA A 237 0.98 -4.78 -27.47
CA ALA A 237 2.42 -5.06 -27.39
C ALA A 237 2.84 -6.32 -28.16
N GLY A 238 1.90 -6.98 -28.81
CA GLY A 238 2.23 -8.18 -29.56
C GLY A 238 2.22 -9.44 -28.70
N ILE A 239 1.68 -9.36 -27.48
CA ILE A 239 1.51 -10.55 -26.67
C ILE A 239 0.22 -11.23 -27.15
N THR A 240 0.32 -12.46 -27.65
CA THR A 240 -0.88 -13.17 -28.08
C THR A 240 -1.58 -13.79 -26.87
N LEU A 241 -2.90 -13.65 -26.83
CA LEU A 241 -3.71 -14.15 -25.73
C LEU A 241 -4.69 -15.24 -26.16
N ALA A 242 -4.55 -16.43 -25.57
CA ALA A 242 -5.49 -17.51 -25.83
C ALA A 242 -6.91 -16.95 -25.65
N LEU A 243 -7.11 -16.22 -24.56
CA LEU A 243 -8.36 -15.51 -24.28
C LEU A 243 -9.08 -14.91 -25.50
N THR A 244 -10.36 -15.22 -25.66
CA THR A 244 -11.18 -14.55 -26.69
C THR A 244 -12.50 -13.93 -26.15
N GLU A 245 -12.95 -14.29 -24.94
CA GLU A 245 -14.17 -13.71 -24.34
C GLU A 245 -13.92 -13.26 -22.90
N LEU A 246 -14.21 -11.99 -22.61
CA LEU A 246 -14.00 -11.46 -21.26
C LEU A 246 -15.32 -11.21 -20.54
N ASN A 247 -15.59 -11.99 -19.50
CA ASN A 247 -16.87 -11.91 -18.79
C ASN A 247 -16.81 -11.29 -17.38
N ALA A 248 -17.69 -10.31 -17.14
CA ALA A 248 -17.85 -9.66 -15.84
C ALA A 248 -18.67 -10.54 -14.88
N VAL A 249 -18.45 -10.40 -13.58
CA VAL A 249 -19.11 -11.26 -12.58
C VAL A 249 -19.29 -10.53 -11.24
N PRO A 250 -20.31 -10.91 -10.45
CA PRO A 250 -20.47 -10.36 -9.09
C PRO A 250 -19.44 -10.95 -8.12
N THR A 251 -19.19 -10.23 -7.04
CA THR A 251 -18.19 -10.63 -6.04
C THR A 251 -18.47 -11.98 -5.41
N SER A 252 -19.72 -12.15 -5.00
CA SER A 252 -20.15 -13.30 -4.23
C SER A 252 -19.91 -14.67 -4.84
N ALA A 253 -20.18 -14.81 -6.13
CA ALA A 253 -20.14 -16.11 -6.80
C ALA A 253 -18.92 -16.98 -6.48
N TYR A 254 -17.81 -16.36 -6.08
CA TYR A 254 -16.58 -17.09 -5.78
C TYR A 254 -16.00 -16.67 -4.44
N PRO A 255 -15.66 -17.67 -3.63
CA PRO A 255 -15.18 -17.43 -2.28
C PRO A 255 -13.94 -16.58 -2.03
N THR A 256 -14.11 -15.67 -1.09
CA THR A 256 -13.01 -15.00 -0.41
C THR A 256 -13.50 -15.07 1.02
N PRO A 257 -12.71 -15.64 1.91
CA PRO A 257 -13.04 -15.68 3.34
C PRO A 257 -13.34 -14.31 3.93
N ALA A 258 -12.34 -13.44 3.90
CA ALA A 258 -12.47 -12.10 4.45
C ALA A 258 -13.29 -11.21 3.53
N SER A 259 -14.24 -10.49 4.11
CA SER A 259 -15.07 -9.56 3.35
C SER A 259 -14.23 -8.44 2.73
N ARG A 260 -14.26 -8.36 1.39
CA ARG A 260 -13.63 -7.26 0.66
C ARG A 260 -14.71 -6.25 0.30
N PRO A 261 -14.41 -4.96 0.43
CA PRO A 261 -15.42 -3.95 0.16
C PRO A 261 -15.73 -3.79 -1.32
N GLY A 262 -16.94 -3.32 -1.61
CA GLY A 262 -17.35 -3.01 -2.96
C GLY A 262 -16.93 -1.58 -3.27
N ASN A 263 -16.78 -0.77 -2.23
CA ASN A 263 -16.39 0.62 -2.40
C ASN A 263 -15.07 0.92 -1.70
N SER A 264 -13.98 0.83 -2.48
CA SER A 264 -12.65 1.19 -2.00
C SER A 264 -12.26 2.61 -2.46
N ARG A 265 -13.16 3.35 -3.11
CA ARG A 265 -12.81 4.68 -3.62
C ARG A 265 -12.35 5.60 -2.49
N LEU A 266 -11.28 6.39 -2.74
CA LEU A 266 -10.79 7.37 -1.75
C LEU A 266 -10.62 8.80 -2.32
N ASN A 267 -11.13 9.77 -1.58
CA ASN A 267 -10.97 11.18 -1.91
C ASN A 267 -9.56 11.57 -1.39
N THR A 268 -8.72 12.18 -2.24
CA THR A 268 -7.35 12.51 -1.84
C THR A 268 -7.01 13.99 -1.86
N GLU A 269 -8.04 14.82 -1.75
CA GLU A 269 -7.90 16.27 -1.76
C GLU A 269 -7.03 16.74 -0.61
N LYS A 270 -7.21 16.13 0.56
CA LYS A 270 -6.38 16.47 1.70
C LYS A 270 -4.88 16.36 1.32
N PHE A 271 -4.45 15.22 0.82
CA PHE A 271 -3.02 15.06 0.49
C PHE A 271 -2.54 16.08 -0.55
N GLN A 272 -3.34 16.25 -1.60
CA GLN A 272 -3.02 17.18 -2.69
C GLN A 272 -2.76 18.62 -2.28
N ARG A 273 -3.61 19.18 -1.42
CA ARG A 273 -3.41 20.56 -1.01
C ARG A 273 -2.31 20.76 0.05
N ASN A 274 -2.15 19.80 0.98
CA ASN A 274 -1.11 19.94 2.01
C ASN A 274 0.33 19.66 1.55
N PHE A 275 0.53 18.89 0.50
CA PHE A 275 1.88 18.65 -0.01
C PHE A 275 2.10 19.34 -1.34
N ASP A 276 1.05 19.96 -1.91
CA ASP A 276 1.14 20.60 -3.22
C ASP A 276 1.58 19.60 -4.28
N LEU A 277 1.01 18.39 -4.22
CA LEU A 277 1.34 17.36 -5.18
C LEU A 277 0.14 16.90 -6.01
N ILE A 278 0.47 16.34 -7.18
CA ILE A 278 -0.46 15.79 -8.16
C ILE A 278 -0.54 14.28 -8.00
N LEU A 279 -1.75 13.75 -8.18
CA LEU A 279 -1.95 12.30 -8.09
C LEU A 279 -2.52 11.85 -9.41
N PRO A 280 -1.66 11.46 -10.32
CA PRO A 280 -2.11 11.17 -11.71
C PRO A 280 -3.13 10.05 -11.84
N GLN A 281 -3.92 10.08 -12.92
CA GLN A 281 -4.90 9.02 -13.19
C GLN A 281 -4.27 7.62 -13.12
N TRP A 282 -5.01 6.64 -12.60
CA TRP A 282 -4.47 5.32 -12.36
C TRP A 282 -3.87 4.60 -13.56
N GLU A 283 -4.38 4.85 -14.74
CA GLU A 283 -3.95 4.12 -15.92
C GLU A 283 -2.49 4.37 -16.23
N LEU A 284 -2.02 5.57 -15.98
CA LEU A 284 -0.67 5.96 -16.40
C LEU A 284 0.35 5.01 -15.77
N GLY A 285 0.17 4.81 -14.47
CA GLY A 285 1.03 3.96 -13.71
C GLY A 285 0.99 2.53 -14.16
N VAL A 286 -0.20 2.04 -14.48
CA VAL A 286 -0.33 0.66 -14.86
C VAL A 286 0.25 0.43 -16.24
N LYS A 287 0.03 1.36 -17.16
CA LYS A 287 0.52 1.23 -18.53
C LYS A 287 2.07 1.19 -18.54
N ARG A 288 2.63 2.03 -17.68
CA ARG A 288 4.06 2.14 -17.57
C ARG A 288 4.63 0.85 -17.03
N MET A 289 4.02 0.32 -15.96
CA MET A 289 4.51 -0.94 -15.41
C MET A 289 4.34 -2.12 -16.46
N LEU A 290 3.25 -2.12 -17.23
CA LEU A 290 3.07 -3.09 -18.33
C LEU A 290 4.17 -2.96 -19.45
N THR A 291 4.48 -1.72 -19.85
CA THR A 291 5.55 -1.52 -20.82
C THR A 291 6.89 -2.07 -20.31
N GLU A 292 7.17 -1.87 -19.03
CA GLU A 292 8.42 -2.34 -18.44
C GLU A 292 8.40 -3.87 -18.43
N MET A 293 7.31 -4.45 -17.99
CA MET A 293 7.16 -5.88 -18.06
C MET A 293 7.33 -6.43 -19.51
N PHE A 294 6.67 -5.83 -20.49
CA PHE A 294 6.77 -6.29 -21.88
C PHE A 294 8.06 -5.93 -22.60
N THR A 295 8.88 -5.03 -22.05
CA THR A 295 10.11 -4.68 -22.75
C THR A 295 11.30 -5.21 -21.99
N THR A 296 11.30 -6.53 -21.83
CA THR A 296 12.42 -7.23 -21.23
C THR A 296 13.25 -7.92 -22.30
N THR A 297 14.56 -7.70 -22.26
CA THR A 297 15.52 -8.37 -23.13
C THR A 297 16.60 -8.96 -22.21
N THR A 298 17.52 -9.74 -22.78
CA THR A 298 18.67 -10.24 -22.03
C THR A 298 19.82 -10.52 -23.01
#